data_4O8P
#
_entry.id   4O8P
#
_cell.length_a   42.491
_cell.length_b   64.637
_cell.length_c   121.303
_cell.angle_alpha   90.00
_cell.angle_beta   90.00
_cell.angle_gamma   90.00
#
_symmetry.space_group_name_H-M   'P 21 21 21'
#
loop_
_entity.id
_entity.type
_entity.pdbx_description
1 polymer Alpha-L-arabinofuranosidase
2 branched beta-D-xylopyranose-(1-4)-beta-D-xylopyranose-(1-4)-beta-D-xylopyranose-(1-4)-beta-D-xylopyranose
3 non-polymer 'CALCIUM ION'
4 non-polymer 3,6,9,12,15,18,21,24,27,30,33,36,39-TRIDECAOXAHENTETRACONTANE-1,41-DIOL
5 non-polymer 'POTASSIUM ION'
6 water water
#
_entity_poly.entity_id   1
_entity_poly.type   'polypeptide(L)'
_entity_poly.pdbx_seq_one_letter_code
;MGSSHHHHHHSSGRENLYFQGMSFHRSLPFRPKRLFGVLAPLLLAGVMSTQPAGAATVVPSDDVQGTGRQSQLTDGFGTR
ASCELPSTYRWTSTGALAQPRSGWVSLKDFTVVPYNGQHLVYATTHDTGTRWGSMNFEPFGDWSQMATARQNAMNSPTVA
PTLFYFAPKDIWVLAYQWGGSAFSYRTSHDPTDPNGWSSEQVLFSGSIADSATGPIDQTLIGDDTHMYLFFAGDNGKIYR
ASMPIGDFPGSFGSTATVVMSDTRNNLFEAPQVYKLQGQNRYLMIVEAIGAQGQRYFRSFTATSLDGEWTPQATSESNPF
AGKANSGATWTDDISHGELIRTTADQTMTVDPCNLQLLYQGRDPGSGGTYDLLPYRPGLLTLQR
;
_entity_poly.pdbx_strand_id   A
#
# COMPACT_ATOMS: atom_id res chain seq x y z
N SER A 82 -15.12 14.34 14.61
CA SER A 82 -14.74 13.19 13.79
C SER A 82 -15.93 12.44 13.13
N CYS A 83 -15.63 11.63 12.12
CA CYS A 83 -16.61 10.92 11.28
C CYS A 83 -16.44 9.40 11.38
N GLU A 84 -17.42 8.66 11.90
CA GLU A 84 -17.27 7.22 12.02
C GLU A 84 -17.13 6.58 10.65
N LEU A 85 -16.35 5.49 10.57
CA LEU A 85 -16.34 4.70 9.34
C LEU A 85 -17.74 4.20 9.06
N PRO A 86 -18.13 4.23 7.79
CA PRO A 86 -19.46 3.73 7.45
C PRO A 86 -19.48 2.23 7.43
N SER A 87 -20.65 1.60 7.63
CA SER A 87 -20.69 0.15 7.47
CA SER A 87 -20.68 0.15 7.48
C SER A 87 -20.91 -0.23 6.00
N THR A 88 -21.41 0.72 5.20
CA THR A 88 -21.51 0.58 3.75
C THR A 88 -20.76 1.73 3.13
N TYR A 89 -19.70 1.40 2.41
CA TYR A 89 -18.93 2.39 1.71
C TYR A 89 -19.50 2.70 0.34
N ARG A 90 -19.52 3.96 -0.04
CA ARG A 90 -19.92 4.34 -1.39
CA ARG A 90 -19.91 4.32 -1.38
C ARG A 90 -18.90 5.34 -1.86
N TRP A 91 -18.20 5.03 -2.95
CA TRP A 91 -17.14 5.92 -3.44
C TRP A 91 -17.55 6.54 -4.79
N THR A 92 -16.81 7.58 -5.19
CA THR A 92 -16.75 7.90 -6.62
C THR A 92 -15.28 7.74 -7.02
N SER A 93 -15.04 7.59 -8.32
CA SER A 93 -13.72 7.29 -8.81
C SER A 93 -13.31 8.25 -9.93
N THR A 94 -11.98 8.40 -10.02
CA THR A 94 -11.45 8.92 -11.28
C THR A 94 -11.27 7.76 -12.28
N GLY A 95 -10.92 8.12 -13.52
CA GLY A 95 -10.31 7.12 -14.41
C GLY A 95 -8.84 6.99 -14.13
N ALA A 96 -8.09 6.36 -15.06
CA ALA A 96 -6.65 6.28 -14.90
C ALA A 96 -6.02 7.68 -14.81
N LEU A 97 -5.10 7.85 -13.86
CA LEU A 97 -4.54 9.18 -13.60
C LEU A 97 -3.21 9.39 -14.25
N ALA A 98 -2.59 8.33 -14.77
CA ALA A 98 -1.32 8.41 -15.47
C ALA A 98 -1.15 7.16 -16.31
N GLN A 99 -0.38 7.29 -17.39
CA GLN A 99 0.03 6.15 -18.20
C GLN A 99 1.50 5.92 -17.94
N PRO A 100 1.96 4.66 -17.90
CA PRO A 100 3.42 4.44 -17.75
CA PRO A 100 3.42 4.44 -17.75
C PRO A 100 4.20 5.04 -18.92
N ARG A 101 5.36 5.61 -18.62
CA ARG A 101 6.26 6.07 -19.67
CA ARG A 101 6.20 6.08 -19.70
C ARG A 101 6.67 4.91 -20.56
N SER A 102 7.09 5.20 -21.78
CA SER A 102 7.44 4.15 -22.72
CA SER A 102 7.46 4.17 -22.73
C SER A 102 8.52 3.25 -22.14
N GLY A 103 8.34 1.94 -22.32
CA GLY A 103 9.28 0.96 -21.77
C GLY A 103 8.68 0.28 -20.56
N TRP A 104 7.67 0.89 -19.93
CA TRP A 104 6.97 0.19 -18.82
C TRP A 104 5.56 -0.21 -19.22
N VAL A 105 5.08 -1.36 -18.74
CA VAL A 105 3.72 -1.75 -19.04
C VAL A 105 2.74 -1.41 -17.93
N SER A 106 3.27 -1.08 -16.77
CA SER A 106 2.38 -0.82 -15.62
C SER A 106 3.06 0.04 -14.60
N LEU A 107 2.19 0.66 -13.80
CA LEU A 107 2.54 1.42 -12.59
C LEU A 107 1.68 0.81 -11.50
N LYS A 108 2.30 0.46 -10.36
CA LYS A 108 1.60 -0.43 -9.39
C LYS A 108 1.98 -0.10 -7.92
N ASP A 109 1.16 -0.61 -6.98
CA ASP A 109 1.57 -0.75 -5.55
C ASP A 109 1.95 0.62 -4.94
N PHE A 110 1.15 1.65 -5.21
CA PHE A 110 1.54 3.05 -4.87
C PHE A 110 1.72 3.25 -3.41
N THR A 111 2.72 4.10 -3.12
CA THR A 111 2.84 4.65 -1.77
C THR A 111 2.86 6.17 -1.97
N VAL A 112 2.21 6.91 -1.09
CA VAL A 112 2.10 8.35 -1.33
C VAL A 112 2.13 9.11 -0.01
N VAL A 113 2.90 10.22 0.04
CA VAL A 113 2.92 11.08 1.23
C VAL A 113 2.64 12.52 0.81
N PRO A 114 2.15 13.34 1.73
CA PRO A 114 2.21 14.79 1.48
C PRO A 114 3.65 15.27 1.61
N TYR A 115 4.08 16.20 0.75
CA TYR A 115 5.45 16.69 0.83
C TYR A 115 5.45 18.14 0.37
N ASN A 116 5.79 19.04 1.27
CA ASN A 116 5.83 20.46 0.91
CA ASN A 116 5.82 20.46 0.94
C ASN A 116 4.60 20.90 0.12
N GLY A 117 3.41 20.48 0.54
CA GLY A 117 2.18 20.89 -0.12
C GLY A 117 1.81 20.20 -1.42
N GLN A 118 2.54 19.14 -1.73
CA GLN A 118 2.37 18.38 -2.96
C GLN A 118 2.23 16.91 -2.62
N HIS A 119 1.94 16.09 -3.62
CA HIS A 119 1.90 14.65 -3.47
C HIS A 119 3.22 14.07 -3.94
N LEU A 120 3.83 13.20 -3.10
CA LEU A 120 5.09 12.52 -3.47
C LEU A 120 4.75 11.03 -3.51
N VAL A 121 4.80 10.46 -4.72
CA VAL A 121 4.35 9.07 -4.98
C VAL A 121 5.50 8.20 -5.48
N TYR A 122 5.73 7.03 -4.86
CA TYR A 122 6.61 6.00 -5.40
C TYR A 122 5.71 4.85 -5.85
N ALA A 123 6.26 4.06 -6.76
CA ALA A 123 5.45 2.97 -7.31
C ALA A 123 6.35 1.84 -7.82
N THR A 124 5.82 0.64 -7.85
CA THR A 124 6.40 -0.47 -8.61
C THR A 124 6.21 -0.28 -10.10
N THR A 125 7.20 -0.70 -10.89
CA THR A 125 7.08 -0.71 -12.34
C THR A 125 7.27 -2.15 -12.80
N HIS A 126 6.79 -2.39 -14.00
CA HIS A 126 7.22 -3.58 -14.73
C HIS A 126 7.55 -3.21 -16.15
N ASP A 127 8.62 -3.76 -16.70
CA ASP A 127 8.99 -3.36 -18.06
C ASP A 127 8.29 -4.26 -19.07
N THR A 128 8.70 -4.22 -20.34
CA THR A 128 8.01 -5.01 -21.36
C THR A 128 8.57 -6.45 -21.41
N GLY A 129 9.51 -6.78 -20.54
CA GLY A 129 10.09 -8.12 -20.51
C GLY A 129 9.78 -8.76 -19.15
N THR A 130 10.82 -8.97 -18.35
CA THR A 130 10.62 -9.63 -17.07
C THR A 130 11.03 -8.80 -15.87
N ARG A 131 11.34 -7.52 -16.02
CA ARG A 131 11.97 -6.83 -14.91
CA ARG A 131 11.97 -6.84 -14.90
C ARG A 131 10.99 -6.02 -14.07
N TRP A 132 10.87 -6.38 -12.79
CA TRP A 132 10.18 -5.52 -11.82
C TRP A 132 11.12 -4.38 -11.44
N GLY A 133 10.60 -3.22 -11.30
CA GLY A 133 11.45 -2.08 -10.90
C GLY A 133 10.65 -1.15 -10.03
N SER A 134 11.15 0.06 -9.84
CA SER A 134 10.38 1.04 -9.09
C SER A 134 10.72 2.44 -9.64
N MET A 135 9.89 3.39 -9.23
CA MET A 135 10.02 4.76 -9.74
C MET A 135 9.44 5.73 -8.72
N ASN A 136 9.74 7.02 -8.84
CA ASN A 136 8.85 8.00 -8.26
C ASN A 136 8.35 8.94 -9.33
N PHE A 137 7.29 9.65 -9.00
CA PHE A 137 6.86 10.83 -9.77
C PHE A 137 7.44 12.10 -9.18
N GLU A 138 7.85 13.06 -9.99
CA GLU A 138 8.14 14.39 -9.47
C GLU A 138 6.97 14.84 -8.63
N PRO A 139 7.19 15.56 -7.50
CA PRO A 139 6.05 15.99 -6.70
C PRO A 139 5.08 16.81 -7.56
N PHE A 140 3.80 16.59 -7.31
CA PHE A 140 2.80 17.29 -8.12
C PHE A 140 1.70 17.81 -7.20
N GLY A 141 1.04 18.86 -7.65
CA GLY A 141 0.22 19.64 -6.75
C GLY A 141 -1.19 19.12 -6.64
N ASP A 142 -1.74 18.62 -7.74
CA ASP A 142 -3.17 18.22 -7.72
C ASP A 142 -3.25 16.93 -8.52
N TRP A 143 -4.34 16.16 -8.42
CA TRP A 143 -4.36 14.87 -9.10
C TRP A 143 -4.43 14.97 -10.63
N SER A 144 -4.76 16.13 -11.18
CA SER A 144 -4.74 16.24 -12.63
C SER A 144 -3.30 16.36 -13.12
N GLN A 145 -2.37 16.66 -12.18
CA GLN A 145 -0.98 16.86 -12.60
C GLN A 145 -0.17 15.54 -12.50
N MET A 146 -0.81 14.47 -12.04
CA MET A 146 -0.09 13.18 -11.97
C MET A 146 0.25 12.72 -13.39
N ALA A 147 -0.59 13.03 -14.36
CA ALA A 147 -0.41 12.49 -15.70
C ALA A 147 0.78 13.14 -16.40
N THR A 148 1.14 14.35 -15.97
CA THR A 148 2.21 15.08 -16.63
C THR A 148 3.49 15.09 -15.76
N ALA A 149 3.43 14.57 -14.54
CA ALA A 149 4.62 14.59 -13.68
C ALA A 149 5.70 13.66 -14.27
N ARG A 150 6.94 14.15 -14.27
CA ARG A 150 8.05 13.32 -14.75
C ARG A 150 8.15 12.01 -13.97
N GLN A 151 8.27 10.91 -14.70
CA GLN A 151 8.41 9.60 -14.08
C GLN A 151 9.89 9.19 -14.01
N ASN A 152 10.38 9.06 -12.79
CA ASN A 152 11.83 8.83 -12.59
C ASN A 152 12.12 7.39 -12.18
N ALA A 153 12.84 6.68 -13.05
CA ALA A 153 13.22 5.29 -12.68
C ALA A 153 14.26 5.25 -11.58
N MET A 154 14.11 4.24 -10.72
CA MET A 154 15.18 4.00 -9.73
C MET A 154 16.22 3.04 -10.25
N ASN A 155 17.48 3.38 -10.01
CA ASN A 155 18.59 2.52 -10.47
C ASN A 155 18.61 1.20 -9.71
N SER A 156 18.18 1.24 -8.44
CA SER A 156 18.13 -0.01 -7.67
C SER A 156 16.68 -0.12 -7.19
N PRO A 157 15.96 -1.14 -7.64
CA PRO A 157 14.51 -1.20 -7.39
C PRO A 157 14.11 -1.44 -5.93
N THR A 158 13.00 -0.79 -5.61
CA THR A 158 12.36 -0.94 -4.28
C THR A 158 10.90 -1.30 -4.53
N VAL A 159 10.71 -2.56 -4.87
CA VAL A 159 9.37 -3.07 -5.27
C VAL A 159 8.38 -3.07 -4.09
N ALA A 160 7.15 -2.66 -4.38
CA ALA A 160 6.07 -2.57 -3.38
C ALA A 160 6.49 -1.72 -2.22
N PRO A 161 6.83 -0.48 -2.55
CA PRO A 161 7.45 0.37 -1.53
C PRO A 161 6.50 0.94 -0.48
N THR A 162 7.06 1.21 0.71
CA THR A 162 6.34 2.00 1.72
C THR A 162 7.21 3.17 2.06
N LEU A 163 6.70 4.39 1.83
CA LEU A 163 7.47 5.62 2.11
C LEU A 163 6.90 6.37 3.30
N PHE A 164 7.77 6.74 4.24
CA PHE A 164 7.30 7.60 5.33
C PHE A 164 8.45 8.35 5.97
N TYR A 165 8.11 9.38 6.72
CA TYR A 165 9.06 10.14 7.49
C TYR A 165 9.07 9.58 8.90
N PHE A 166 10.24 9.08 9.34
CA PHE A 166 10.38 8.54 10.69
C PHE A 166 10.83 9.68 11.57
N ALA A 167 9.81 10.34 12.17
CA ALA A 167 10.06 11.57 12.87
C ALA A 167 10.99 11.46 14.07
N PRO A 168 10.95 10.35 14.85
CA PRO A 168 11.80 10.37 16.05
C PRO A 168 13.28 10.44 15.78
N LYS A 169 13.72 10.12 14.57
CA LYS A 169 15.13 10.31 14.25
C LYS A 169 15.31 11.19 13.04
N ASP A 170 14.23 11.93 12.63
CA ASP A 170 14.31 12.89 11.50
C ASP A 170 14.96 12.29 10.26
N ILE A 171 14.42 11.16 9.84
CA ILE A 171 14.95 10.50 8.63
C ILE A 171 13.81 9.89 7.86
N TRP A 172 13.87 9.99 6.53
CA TRP A 172 12.90 9.29 5.68
C TRP A 172 13.28 7.85 5.47
N VAL A 173 12.26 6.99 5.37
CA VAL A 173 12.46 5.55 5.24
C VAL A 173 11.65 5.09 4.03
N LEU A 174 12.30 4.25 3.22
CA LEU A 174 11.66 3.58 2.08
C LEU A 174 11.85 2.07 2.30
N ALA A 175 10.74 1.36 2.62
CA ALA A 175 10.79 -0.07 2.84
C ALA A 175 10.30 -0.79 1.58
N TYR A 176 10.73 -2.01 1.37
CA TYR A 176 10.38 -2.72 0.12
C TYR A 176 10.70 -4.18 0.20
N GLN A 177 10.45 -4.88 -0.90
CA GLN A 177 10.71 -6.33 -0.95
C GLN A 177 11.60 -6.64 -2.14
N TRP A 178 12.04 -7.91 -2.18
CA TRP A 178 12.83 -8.52 -3.25
C TRP A 178 14.25 -7.94 -3.38
N GLY A 179 14.72 -7.33 -2.29
CA GLY A 179 16.16 -7.14 -2.13
C GLY A 179 16.76 -8.41 -1.52
N GLY A 180 17.80 -8.24 -0.69
CA GLY A 180 18.57 -9.37 -0.27
C GLY A 180 17.94 -10.22 0.83
N SER A 181 16.95 -9.66 1.55
CA SER A 181 16.28 -10.39 2.63
C SER A 181 14.81 -10.24 2.39
N ALA A 182 13.99 -10.84 3.25
CA ALA A 182 12.55 -10.84 3.03
C ALA A 182 12.00 -9.44 2.80
N PHE A 183 12.34 -8.53 3.74
CA PHE A 183 12.10 -7.12 3.48
C PHE A 183 13.34 -6.33 3.78
N SER A 184 13.42 -5.17 3.11
CA SER A 184 14.53 -4.25 3.20
C SER A 184 14.07 -2.82 3.46
N TYR A 185 15.02 -1.97 3.82
CA TYR A 185 14.70 -0.54 3.81
C TYR A 185 15.97 0.25 3.47
N ARG A 186 15.72 1.52 3.09
CA ARG A 186 16.79 2.50 2.87
CA ARG A 186 16.81 2.46 2.91
C ARG A 186 16.37 3.78 3.56
N THR A 187 17.32 4.68 3.77
CA THR A 187 16.98 5.96 4.41
C THR A 187 17.48 7.13 3.56
N SER A 188 16.89 8.30 3.81
CA SER A 188 17.26 9.51 3.08
C SER A 188 16.82 10.76 3.83
N HIS A 189 17.47 11.87 3.53
CA HIS A 189 16.97 13.14 3.98
C HIS A 189 16.24 13.89 2.88
N ASP A 190 16.14 13.32 1.69
CA ASP A 190 15.49 14.00 0.56
C ASP A 190 14.76 12.97 -0.26
N PRO A 191 13.52 12.71 0.10
CA PRO A 191 12.78 11.63 -0.54
C PRO A 191 12.32 11.96 -1.95
N THR A 192 12.51 13.20 -2.41
CA THR A 192 12.18 13.42 -3.80
C THR A 192 13.23 12.85 -4.76
N ASP A 193 14.43 12.54 -4.27
CA ASP A 193 15.48 12.05 -5.17
C ASP A 193 15.35 10.52 -5.26
N PRO A 194 14.91 9.98 -6.41
CA PRO A 194 14.71 8.52 -6.55
C PRO A 194 16.00 7.72 -6.31
N ASN A 195 17.14 8.35 -6.50
CA ASN A 195 18.42 7.65 -6.42
C ASN A 195 19.26 8.20 -5.29
N GLY A 196 18.59 8.80 -4.31
CA GLY A 196 19.32 9.44 -3.18
C GLY A 196 19.28 8.64 -1.89
N TRP A 197 18.83 7.40 -1.99
CA TRP A 197 18.62 6.55 -0.81
C TRP A 197 19.93 5.87 -0.41
N SER A 198 20.00 5.56 0.88
CA SER A 198 21.15 4.88 1.47
C SER A 198 21.27 3.45 0.95
N SER A 199 22.35 2.79 1.38
CA SER A 199 22.48 1.40 1.05
C SER A 199 21.37 0.55 1.67
N GLU A 200 21.11 -0.59 1.00
CA GLU A 200 20.05 -1.50 1.47
C GLU A 200 20.38 -2.03 2.87
N GLN A 201 19.36 -1.96 3.75
CA GLN A 201 19.41 -2.57 5.10
C GLN A 201 18.31 -3.60 5.30
N VAL A 202 18.56 -4.56 6.19
CA VAL A 202 17.57 -5.60 6.46
C VAL A 202 16.44 -5.06 7.32
N LEU A 203 15.21 -5.25 6.84
CA LEU A 203 14.01 -4.92 7.60
C LEU A 203 13.41 -6.19 8.26
N PHE A 204 13.47 -7.30 7.56
CA PHE A 204 12.88 -8.57 8.06
C PHE A 204 13.62 -9.70 7.36
N SER A 205 13.84 -10.80 8.09
CA SER A 205 14.55 -11.92 7.55
C SER A 205 13.84 -13.26 7.77
N GLY A 206 12.55 -13.20 8.07
CA GLY A 206 11.81 -14.43 8.32
C GLY A 206 11.26 -15.09 7.07
N SER A 207 10.86 -16.36 7.22
CA SER A 207 10.19 -17.09 6.15
CA SER A 207 10.19 -17.09 6.15
C SER A 207 8.80 -17.48 6.64
N ILE A 208 7.92 -17.85 5.73
CA ILE A 208 6.57 -18.24 6.18
C ILE A 208 6.20 -19.52 5.49
N ALA A 209 5.13 -20.16 5.98
CA ALA A 209 4.69 -21.47 5.45
C ALA A 209 3.59 -21.32 4.43
N ASP A 210 3.54 -22.30 3.52
CA ASP A 210 2.45 -22.40 2.57
C ASP A 210 2.31 -21.18 1.73
N SER A 211 3.44 -20.61 1.35
CA SER A 211 3.38 -19.41 0.52
C SER A 211 4.21 -19.55 -0.75
N ALA A 212 3.61 -19.30 -1.90
CA ALA A 212 4.30 -19.38 -3.19
C ALA A 212 5.30 -18.22 -3.32
N THR A 213 5.01 -17.09 -2.67
CA THR A 213 5.76 -15.87 -2.84
C THR A 213 6.74 -15.60 -1.70
N GLY A 214 6.49 -16.16 -0.51
CA GLY A 214 7.14 -15.66 0.68
C GLY A 214 6.49 -14.37 1.16
N PRO A 215 7.04 -13.76 2.23
CA PRO A 215 6.50 -12.49 2.73
C PRO A 215 6.41 -11.45 1.62
N ILE A 216 5.27 -10.77 1.55
CA ILE A 216 5.07 -9.80 0.48
C ILE A 216 4.29 -8.60 1.02
N ASP A 217 4.51 -7.44 0.39
CA ASP A 217 3.69 -6.26 0.59
C ASP A 217 3.70 -5.76 2.02
N GLN A 218 4.89 -5.43 2.51
CA GLN A 218 4.90 -4.88 3.86
C GLN A 218 4.24 -3.53 4.00
N THR A 219 3.80 -3.26 5.23
CA THR A 219 3.48 -1.90 5.59
C THR A 219 3.97 -1.67 7.01
N LEU A 220 4.27 -0.44 7.35
CA LEU A 220 4.83 -0.10 8.65
C LEU A 220 3.98 0.97 9.28
N ILE A 221 3.90 0.96 10.61
CA ILE A 221 3.18 2.00 11.33
C ILE A 221 3.70 2.04 12.73
N GLY A 222 3.74 3.22 13.35
CA GLY A 222 4.17 3.31 14.73
C GLY A 222 3.06 3.92 15.58
N ASP A 223 3.04 3.53 16.85
CA ASP A 223 2.30 4.26 17.85
C ASP A 223 3.30 4.94 18.77
N ASP A 224 2.87 5.28 19.98
CA ASP A 224 3.72 6.04 20.85
C ASP A 224 4.95 5.29 21.29
N THR A 225 4.85 3.95 21.36
CA THR A 225 5.95 3.19 21.97
C THR A 225 6.61 2.17 21.04
N HIS A 226 5.93 1.76 19.97
CA HIS A 226 6.43 0.68 19.13
C HIS A 226 6.26 0.97 17.65
N MET A 227 7.19 0.44 16.87
CA MET A 227 6.99 0.29 15.43
C MET A 227 6.48 -1.10 15.11
N TYR A 228 5.60 -1.19 14.12
CA TYR A 228 4.97 -2.42 13.71
C TYR A 228 5.18 -2.63 12.25
N LEU A 229 5.42 -3.88 11.90
CA LEU A 229 5.55 -4.35 10.50
C LEU A 229 4.38 -5.31 10.28
N PHE A 230 3.54 -5.01 9.29
CA PHE A 230 2.48 -6.00 8.91
C PHE A 230 2.80 -6.45 7.50
N PHE A 231 2.47 -7.70 7.17
CA PHE A 231 2.70 -8.15 5.78
C PHE A 231 1.80 -9.34 5.49
N ALA A 232 1.83 -9.78 4.23
CA ALA A 232 1.02 -10.87 3.75
C ALA A 232 1.90 -11.92 3.13
N GLY A 233 1.26 -12.96 2.56
CA GLY A 233 2.04 -14.07 2.00
C GLY A 233 1.34 -14.76 0.85
N ASP A 234 0.36 -14.11 0.24
CA ASP A 234 -0.45 -14.74 -0.80
C ASP A 234 -0.98 -16.08 -0.30
N ASN A 235 -1.36 -16.14 0.99
CA ASN A 235 -1.65 -17.46 1.59
C ASN A 235 -2.75 -17.40 2.60
N GLY A 236 -3.50 -16.30 2.61
CA GLY A 236 -4.60 -16.21 3.54
C GLY A 236 -4.26 -15.72 4.95
N LYS A 237 -3.01 -15.38 5.18
CA LYS A 237 -2.58 -14.89 6.50
C LYS A 237 -2.03 -13.48 6.43
N ILE A 238 -2.27 -12.74 7.53
CA ILE A 238 -1.62 -11.46 7.78
C ILE A 238 -0.79 -11.57 9.03
N TYR A 239 0.45 -11.05 8.96
CA TYR A 239 1.48 -11.25 9.97
C TYR A 239 1.87 -9.92 10.57
N ARG A 240 2.35 -9.94 11.81
CA ARG A 240 2.75 -8.70 12.50
C ARG A 240 4.04 -8.92 13.25
N ALA A 241 5.00 -8.04 13.09
CA ALA A 241 6.15 -8.02 14.00
C ALA A 241 6.25 -6.63 14.64
N SER A 242 7.00 -6.52 15.73
CA SER A 242 7.08 -5.22 16.39
C SER A 242 8.45 -5.01 17.02
N MET A 243 8.78 -3.74 17.26
CA MET A 243 10.00 -3.39 18.01
C MET A 243 9.76 -2.10 18.74
N PRO A 244 10.47 -1.88 19.83
CA PRO A 244 10.40 -0.56 20.46
C PRO A 244 10.77 0.54 19.47
N ILE A 245 10.06 1.65 19.53
CA ILE A 245 10.19 2.65 18.46
C ILE A 245 11.60 3.26 18.44
N GLY A 246 12.24 3.31 19.59
CA GLY A 246 13.60 3.86 19.63
C GLY A 246 14.65 2.96 18.99
N ASP A 247 14.27 1.71 18.69
CA ASP A 247 15.19 0.78 18.04
C ASP A 247 15.11 0.83 16.55
N PHE A 248 14.14 1.58 16.03
CA PHE A 248 13.89 1.64 14.61
C PHE A 248 14.62 2.87 14.03
N PRO A 249 15.06 2.85 12.76
CA PRO A 249 15.08 1.81 11.74
C PRO A 249 16.00 0.69 12.11
N GLY A 250 15.61 -0.54 11.81
CA GLY A 250 16.41 -1.71 12.09
C GLY A 250 15.62 -2.90 11.65
N SER A 251 16.17 -4.07 11.90
CA SER A 251 15.46 -5.25 11.46
C SER A 251 14.45 -5.69 12.53
N PHE A 252 13.26 -6.12 12.08
CA PHE A 252 12.28 -6.72 12.97
C PHE A 252 12.61 -8.16 13.32
N GLY A 253 13.70 -8.71 12.76
CA GLY A 253 14.09 -10.07 13.07
C GLY A 253 13.55 -11.07 12.09
N SER A 254 13.32 -12.30 12.58
CA SER A 254 12.96 -13.38 11.68
C SER A 254 11.63 -14.01 12.07
N THR A 255 11.01 -13.49 13.12
CA THR A 255 9.71 -14.05 13.53
C THR A 255 8.59 -13.03 13.48
N ALA A 256 7.37 -13.51 13.24
CA ALA A 256 6.20 -12.67 13.19
C ALA A 256 5.02 -13.47 13.76
N THR A 257 4.00 -12.73 14.17
CA THR A 257 2.79 -13.30 14.73
C THR A 257 1.66 -13.22 13.72
N VAL A 258 0.94 -14.31 13.52
CA VAL A 258 -0.24 -14.26 12.67
C VAL A 258 -1.32 -13.50 13.42
N VAL A 259 -1.87 -12.47 12.79
CA VAL A 259 -2.97 -11.73 13.45
C VAL A 259 -4.30 -11.99 12.81
N MET A 260 -4.34 -12.50 11.58
CA MET A 260 -5.62 -12.91 10.95
CA MET A 260 -5.62 -13.02 11.05
C MET A 260 -5.34 -14.08 10.00
N SER A 261 -6.29 -14.97 9.82
CA SER A 261 -6.18 -15.94 8.74
C SER A 261 -7.56 -16.25 8.17
N ASP A 262 -7.56 -16.66 6.90
CA ASP A 262 -8.77 -16.99 6.22
C ASP A 262 -8.35 -17.84 5.01
N THR A 263 -9.28 -18.09 4.08
CA THR A 263 -8.94 -18.77 2.83
C THR A 263 -8.00 -17.87 2.08
N ARG A 264 -7.17 -18.50 1.22
CA ARG A 264 -6.14 -17.76 0.52
C ARG A 264 -6.67 -16.49 -0.12
N ASN A 265 -7.78 -16.64 -0.84
CA ASN A 265 -8.28 -15.49 -1.60
C ASN A 265 -8.89 -14.39 -0.76
N ASN A 266 -9.29 -14.69 0.48
CA ASN A 266 -9.94 -13.69 1.32
C ASN A 266 -8.99 -12.78 2.04
N LEU A 267 -7.73 -13.18 2.22
CA LEU A 267 -6.71 -12.33 2.82
C LEU A 267 -5.44 -12.52 2.00
N PHE A 268 -5.40 -11.86 0.85
CA PHE A 268 -4.43 -12.32 -0.14
C PHE A 268 -3.13 -11.51 -0.08
N GLU A 269 -3.21 -10.18 -0.22
CA GLU A 269 -1.98 -9.41 -0.20
C GLU A 269 -2.26 -7.93 0.05
N ALA A 270 -1.24 -7.09 -0.15
CA ALA A 270 -1.36 -5.61 -0.10
C ALA A 270 -2.04 -5.04 1.16
N PRO A 271 -1.65 -5.49 2.35
CA PRO A 271 -2.23 -4.86 3.56
C PRO A 271 -1.73 -3.45 3.75
N GLN A 272 -2.55 -2.60 4.33
CA GLN A 272 -2.17 -1.22 4.67
C GLN A 272 -2.83 -0.96 6.01
N VAL A 273 -2.10 -0.31 6.93
CA VAL A 273 -2.61 -0.03 8.29
C VAL A 273 -2.48 1.46 8.56
N TYR A 274 -3.54 2.02 9.16
CA TYR A 274 -3.62 3.46 9.40
C TYR A 274 -4.19 3.76 10.75
N LYS A 275 -3.87 4.94 11.30
CA LYS A 275 -4.52 5.49 12.48
C LYS A 275 -5.56 6.52 12.08
N LEU A 276 -6.76 6.44 12.67
CA LEU A 276 -7.80 7.38 12.25
C LEU A 276 -7.72 8.67 13.03
N GLN A 277 -7.61 9.79 12.31
CA GLN A 277 -7.59 11.12 12.99
C GLN A 277 -8.84 11.34 13.85
N GLY A 278 -8.67 11.77 15.10
CA GLY A 278 -9.81 12.17 15.89
C GLY A 278 -10.50 11.02 16.62
N GLN A 279 -9.97 9.80 16.49
CA GLN A 279 -10.63 8.57 17.01
C GLN A 279 -9.57 7.66 17.61
N ASN A 280 -9.94 6.90 18.64
CA ASN A 280 -9.11 5.84 19.17
CA ASN A 280 -8.98 5.85 19.10
C ASN A 280 -9.26 4.58 18.33
N ARG A 281 -8.73 4.54 17.11
CA ARG A 281 -9.08 3.44 16.22
C ARG A 281 -8.06 3.38 15.13
N TYR A 282 -7.74 2.16 14.72
CA TYR A 282 -6.87 1.89 13.61
C TYR A 282 -7.61 1.12 12.55
N LEU A 283 -7.20 1.34 11.30
CA LEU A 283 -7.89 0.75 10.15
C LEU A 283 -6.90 -0.09 9.37
N MET A 284 -7.22 -1.35 9.11
CA MET A 284 -6.41 -2.18 8.17
C MET A 284 -7.23 -2.49 6.96
N ILE A 285 -6.69 -2.30 5.76
CA ILE A 285 -7.37 -2.80 4.56
C ILE A 285 -6.47 -3.90 3.94
N VAL A 286 -7.09 -4.94 3.38
CA VAL A 286 -6.33 -6.08 2.80
C VAL A 286 -6.94 -6.35 1.47
N GLU A 287 -6.09 -6.67 0.50
CA GLU A 287 -6.62 -7.05 -0.83
C GLU A 287 -7.04 -8.53 -0.88
N ALA A 288 -8.19 -8.76 -1.50
CA ALA A 288 -8.79 -10.07 -1.69
C ALA A 288 -9.06 -10.29 -3.17
N ILE A 289 -9.26 -11.56 -3.53
CA ILE A 289 -9.61 -11.98 -4.88
C ILE A 289 -11.03 -12.47 -4.85
N GLY A 290 -11.87 -11.89 -5.69
CA GLY A 290 -13.29 -12.21 -5.69
C GLY A 290 -13.58 -13.43 -6.58
N ALA A 291 -14.86 -13.71 -6.69
CA ALA A 291 -15.30 -14.97 -7.27
C ALA A 291 -14.84 -15.18 -8.72
N GLN A 292 -14.75 -14.09 -9.48
CA GLN A 292 -14.33 -14.17 -10.86
C GLN A 292 -12.97 -13.53 -11.06
N GLY A 293 -12.18 -13.42 -9.99
CA GLY A 293 -10.82 -12.97 -10.08
C GLY A 293 -10.64 -11.48 -9.86
N GLN A 294 -11.74 -10.74 -9.66
CA GLN A 294 -11.61 -9.29 -9.47
CA GLN A 294 -11.64 -9.29 -9.48
C GLN A 294 -11.04 -8.96 -8.11
N ARG A 295 -10.09 -8.03 -8.08
CA ARG A 295 -9.47 -7.62 -6.83
C ARG A 295 -10.32 -6.60 -6.13
N TYR A 296 -10.41 -6.70 -4.79
CA TYR A 296 -11.10 -5.70 -3.99
C TYR A 296 -10.45 -5.67 -2.62
N PHE A 297 -10.83 -4.68 -1.82
CA PHE A 297 -10.31 -4.55 -0.44
C PHE A 297 -11.37 -4.87 0.62
N ARG A 298 -10.90 -5.57 1.66
CA ARG A 298 -11.68 -5.78 2.87
CA ARG A 298 -11.70 -5.75 2.87
C ARG A 298 -11.11 -4.91 3.97
N SER A 299 -11.93 -4.45 4.92
CA SER A 299 -11.38 -3.65 6.02
C SER A 299 -11.68 -4.24 7.36
N PHE A 300 -10.77 -3.90 8.27
CA PHE A 300 -10.79 -4.38 9.66
C PHE A 300 -10.39 -3.24 10.57
N THR A 301 -10.79 -3.29 11.83
CA THR A 301 -10.36 -2.23 12.76
C THR A 301 -9.78 -2.79 14.05
N ALA A 302 -9.06 -1.94 14.76
CA ALA A 302 -8.49 -2.32 16.05
C ALA A 302 -8.44 -1.12 16.92
N THR A 303 -8.37 -1.33 18.23
CA THR A 303 -8.17 -0.16 19.12
C THR A 303 -6.74 -0.04 19.64
N SER A 304 -5.90 -1.03 19.35
CA SER A 304 -4.46 -0.90 19.61
CA SER A 304 -4.46 -0.98 19.68
C SER A 304 -3.75 -1.76 18.59
N LEU A 305 -2.52 -1.37 18.22
CA LEU A 305 -1.87 -2.04 17.10
C LEU A 305 -1.40 -3.44 17.46
N ASP A 306 -1.30 -3.70 18.75
CA ASP A 306 -0.97 -5.04 19.26
C ASP A 306 -2.23 -5.86 19.63
N GLY A 307 -3.42 -5.35 19.27
CA GLY A 307 -4.70 -5.96 19.69
C GLY A 307 -5.29 -6.76 18.54
N GLU A 308 -6.54 -7.20 18.72
CA GLU A 308 -7.13 -7.97 17.68
C GLU A 308 -7.86 -7.10 16.71
N TRP A 309 -8.06 -7.67 15.51
CA TRP A 309 -8.69 -6.99 14.40
C TRP A 309 -10.12 -7.46 14.21
N THR A 310 -11.05 -6.51 14.01
CA THR A 310 -12.47 -6.86 13.88
C THR A 310 -12.95 -6.53 12.48
N PRO A 311 -13.60 -7.48 11.79
CA PRO A 311 -14.19 -7.22 10.46
C PRO A 311 -15.01 -5.92 10.47
N GLN A 312 -14.80 -5.09 9.43
CA GLN A 312 -15.42 -3.78 9.35
C GLN A 312 -16.21 -3.73 8.03
N ALA A 313 -15.62 -4.18 6.92
CA ALA A 313 -16.41 -4.45 5.67
C ALA A 313 -15.71 -5.55 4.93
N THR A 314 -16.27 -6.76 4.95
CA THR A 314 -15.44 -7.92 4.64
C THR A 314 -16.08 -8.92 3.68
N SER A 315 -16.72 -8.43 2.65
CA SER A 315 -17.10 -9.37 1.56
C SER A 315 -17.07 -8.65 0.21
N GLU A 316 -17.13 -9.43 -0.87
CA GLU A 316 -17.06 -8.82 -2.18
C GLU A 316 -18.31 -7.93 -2.44
N SER A 317 -19.47 -8.33 -1.92
CA SER A 317 -20.65 -7.50 -2.18
C SER A 317 -20.76 -6.33 -1.22
N ASN A 318 -20.04 -6.39 -0.10
CA ASN A 318 -19.98 -5.24 0.81
CA ASN A 318 -19.98 -5.38 0.96
C ASN A 318 -18.51 -5.06 1.26
N PRO A 319 -17.74 -4.49 0.33
CA PRO A 319 -16.31 -4.40 0.54
C PRO A 319 -15.92 -3.05 1.12
N PHE A 320 -14.67 -2.93 1.52
CA PHE A 320 -14.14 -1.58 1.77
C PHE A 320 -14.15 -0.83 0.44
N ALA A 321 -13.59 -1.45 -0.61
CA ALA A 321 -13.61 -0.79 -1.94
C ALA A 321 -13.49 -1.88 -2.96
N GLY A 322 -14.36 -1.89 -3.95
CA GLY A 322 -14.32 -2.93 -4.96
C GLY A 322 -15.28 -2.53 -6.06
N LYS A 323 -15.42 -3.36 -7.08
CA LYS A 323 -16.40 -3.06 -8.13
C LYS A 323 -17.83 -2.82 -7.58
N ALA A 324 -18.18 -3.42 -6.44
CA ALA A 324 -19.52 -3.22 -5.90
C ALA A 324 -19.81 -1.76 -5.56
N ASN A 325 -18.78 -0.99 -5.28
CA ASN A 325 -19.01 0.35 -4.68
C ASN A 325 -18.01 1.44 -5.09
N SER A 326 -17.19 1.15 -6.08
CA SER A 326 -16.14 2.09 -6.41
C SER A 326 -16.62 3.27 -7.26
N GLY A 327 -17.70 3.10 -8.03
CA GLY A 327 -18.04 4.10 -9.04
C GLY A 327 -17.11 4.08 -10.24
N ALA A 328 -16.24 3.07 -10.35
CA ALA A 328 -15.31 2.98 -11.51
C ALA A 328 -15.83 1.98 -12.53
N THR A 329 -15.82 2.35 -13.81
CA THR A 329 -16.01 1.32 -14.83
C THR A 329 -14.77 1.16 -15.73
N TRP A 330 -13.76 2.03 -15.62
CA TRP A 330 -12.54 1.85 -16.41
C TRP A 330 -11.74 0.63 -15.93
N THR A 331 -12.05 0.20 -14.72
CA THR A 331 -11.43 -0.98 -14.12
C THR A 331 -12.52 -1.73 -13.33
N ASP A 332 -12.39 -3.06 -13.25
CA ASP A 332 -13.16 -3.79 -12.22
C ASP A 332 -12.31 -3.98 -10.98
N ASP A 333 -11.04 -4.29 -11.18
CA ASP A 333 -10.11 -4.40 -10.02
C ASP A 333 -9.98 -3.09 -9.23
N ILE A 334 -9.97 -3.19 -7.89
CA ILE A 334 -9.51 -2.10 -7.04
C ILE A 334 -8.42 -2.80 -6.25
N SER A 335 -7.15 -2.45 -6.51
CA SER A 335 -6.04 -3.27 -6.08
C SER A 335 -4.91 -2.39 -5.50
N HIS A 336 -3.87 -3.07 -4.99
CA HIS A 336 -2.76 -2.53 -4.20
C HIS A 336 -2.50 -1.04 -4.32
N GLY A 337 -2.74 -0.34 -3.22
CA GLY A 337 -2.51 1.11 -3.20
C GLY A 337 -2.43 1.58 -1.78
N GLU A 338 -2.88 2.79 -1.58
CA GLU A 338 -2.73 3.43 -0.27
C GLU A 338 -3.79 4.49 -0.05
N LEU A 339 -4.20 4.72 1.20
CA LEU A 339 -5.04 5.86 1.52
C LEU A 339 -4.22 7.15 1.56
N ILE A 340 -4.84 8.26 1.17
CA ILE A 340 -4.16 9.55 1.28
C ILE A 340 -4.06 9.90 2.76
N ARG A 341 -2.85 10.34 3.16
CA ARG A 341 -2.59 10.58 4.58
C ARG A 341 -2.57 12.01 4.92
N THR A 342 -2.76 12.32 6.19
CA THR A 342 -2.75 13.72 6.58
C THR A 342 -1.31 14.23 6.93
N THR A 343 -0.41 13.31 7.10
CA THR A 343 0.95 13.58 7.56
C THR A 343 1.79 12.54 6.83
N ALA A 344 3.10 12.82 6.70
CA ALA A 344 4.01 11.83 6.11
C ALA A 344 4.61 10.93 7.15
N ASP A 345 4.35 11.18 8.42
CA ASP A 345 5.13 10.46 9.43
C ASP A 345 4.65 9.03 9.74
N GLN A 346 5.40 8.38 10.66
CA GLN A 346 5.18 6.96 10.89
C GLN A 346 3.86 6.62 11.55
N THR A 347 3.12 7.61 12.00
CA THR A 347 1.80 7.30 12.60
C THR A 347 0.77 6.88 11.57
N MET A 348 1.05 7.13 10.28
CA MET A 348 0.13 6.70 9.20
C MET A 348 -1.30 7.23 9.45
N THR A 349 -1.42 8.52 9.77
CA THR A 349 -2.72 9.06 10.15
C THR A 349 -3.52 9.40 8.88
N VAL A 350 -4.80 9.01 8.88
CA VAL A 350 -5.71 9.38 7.79
C VAL A 350 -6.95 10.01 8.36
N ASP A 351 -7.61 10.85 7.54
CA ASP A 351 -8.80 11.61 7.93
C ASP A 351 -10.05 10.85 7.54
N PRO A 352 -10.78 10.30 8.53
CA PRO A 352 -11.96 9.50 8.21
C PRO A 352 -13.07 10.38 7.62
N CYS A 353 -12.94 11.68 7.75
CA CYS A 353 -13.88 12.62 7.12
C CYS A 353 -13.64 12.85 5.64
N ASN A 354 -12.44 12.48 5.18
CA ASN A 354 -12.08 12.71 3.79
C ASN A 354 -11.24 11.55 3.27
N LEU A 355 -11.80 10.33 3.35
CA LEU A 355 -11.03 9.17 2.93
C LEU A 355 -10.89 9.14 1.42
N GLN A 356 -9.66 8.91 0.97
CA GLN A 356 -9.38 8.76 -0.46
C GLN A 356 -8.38 7.65 -0.66
N LEU A 357 -8.63 6.81 -1.66
CA LEU A 357 -7.77 5.64 -1.91
C LEU A 357 -7.07 5.79 -3.25
N LEU A 358 -5.75 5.86 -3.26
CA LEU A 358 -4.98 5.80 -4.54
C LEU A 358 -4.74 4.31 -4.80
N TYR A 359 -5.37 3.75 -5.81
CA TYR A 359 -5.34 2.30 -6.06
C TYR A 359 -4.80 2.01 -7.44
N GLN A 360 -4.51 0.73 -7.71
CA GLN A 360 -4.18 0.35 -9.06
C GLN A 360 -5.38 -0.37 -9.68
N GLY A 361 -5.64 -0.05 -10.96
CA GLY A 361 -6.75 -0.67 -11.67
C GLY A 361 -6.26 -1.04 -13.05
N ARG A 362 -7.06 -1.80 -13.80
CA ARG A 362 -6.71 -2.17 -15.18
C ARG A 362 -7.97 -2.38 -15.99
N ASP A 363 -7.83 -2.17 -17.31
CA ASP A 363 -8.99 -2.34 -18.21
C ASP A 363 -9.60 -3.75 -18.04
N PRO A 364 -10.93 -3.85 -17.99
CA PRO A 364 -11.54 -5.19 -17.78
C PRO A 364 -11.27 -6.12 -18.96
N GLY A 365 -10.92 -5.59 -20.11
CA GLY A 365 -10.59 -6.46 -21.24
C GLY A 365 -9.16 -7.00 -21.21
N SER A 366 -8.36 -6.52 -20.26
CA SER A 366 -6.94 -6.91 -20.21
C SER A 366 -6.84 -8.35 -19.66
N GLY A 367 -5.74 -8.99 -19.98
CA GLY A 367 -5.56 -10.38 -19.56
C GLY A 367 -4.17 -10.85 -19.91
N GLY A 368 -3.99 -12.17 -19.85
CA GLY A 368 -2.69 -12.79 -20.06
C GLY A 368 -1.91 -12.88 -18.77
N THR A 369 -0.62 -13.06 -18.93
CA THR A 369 0.22 -13.30 -17.80
C THR A 369 0.18 -12.14 -16.78
N TYR A 370 0.06 -12.47 -15.47
CA TYR A 370 -0.13 -11.47 -14.44
C TYR A 370 0.90 -10.34 -14.48
N ASP A 371 2.17 -10.72 -14.68
CA ASP A 371 3.22 -9.71 -14.48
C ASP A 371 3.17 -8.62 -15.56
N LEU A 372 2.49 -8.89 -16.67
CA LEU A 372 2.43 -7.88 -17.76
C LEU A 372 1.10 -7.11 -17.76
N LEU A 373 0.25 -7.33 -16.76
CA LEU A 373 -1.06 -6.67 -16.80
C LEU A 373 -0.88 -5.16 -16.77
N PRO A 374 -1.76 -4.44 -17.45
CA PRO A 374 -1.55 -2.99 -17.63
C PRO A 374 -2.21 -2.16 -16.52
N TYR A 375 -1.69 -2.29 -15.30
CA TYR A 375 -2.19 -1.49 -14.17
C TYR A 375 -1.79 -0.01 -14.28
N ARG A 376 -2.71 0.81 -13.76
CA ARG A 376 -2.50 2.27 -13.74
CA ARG A 376 -2.61 2.28 -13.76
C ARG A 376 -3.11 2.78 -12.43
N PRO A 377 -2.67 3.99 -12.01
CA PRO A 377 -3.27 4.57 -10.80
C PRO A 377 -4.70 5.15 -11.03
N GLY A 378 -5.54 5.01 -10.03
CA GLY A 378 -6.83 5.71 -9.96
C GLY A 378 -7.04 6.23 -8.55
N LEU A 379 -8.06 7.10 -8.36
CA LEU A 379 -8.29 7.60 -6.99
C LEU A 379 -9.78 7.48 -6.67
N LEU A 380 -10.09 6.86 -5.53
CA LEU A 380 -11.47 6.88 -5.01
C LEU A 380 -11.60 7.94 -3.97
N THR A 381 -12.76 8.58 -3.93
CA THR A 381 -13.11 9.56 -2.86
C THR A 381 -14.38 9.07 -2.21
N LEU A 382 -14.36 8.96 -0.87
CA LEU A 382 -15.54 8.43 -0.16
C LEU A 382 -16.67 9.45 -0.15
N GLN A 383 -17.89 9.01 -0.43
CA GLN A 383 -19.04 9.90 -0.34
C GLN A 383 -19.49 9.99 1.11
N ARG A 384 -19.78 11.16 1.57
CA ARG A 384 -20.30 11.31 2.90
C ARG A 384 -21.33 12.39 2.60
#